data_4XXA
#
_entry.id   4XXA
#
_cell.length_a   96.083
_cell.length_b   96.083
_cell.length_c   85.099
_cell.angle_alpha   90.000
_cell.angle_beta   90.000
_cell.angle_gamma   120.000
#
_symmetry.space_group_name_H-M   'P 31 2 1'
#
loop_
_entity.id
_entity.type
_entity.pdbx_description
1 polymer 'Seed lectin'
2 non-polymer 'CALCIUM ION'
3 non-polymer 'MANGANESE (II) ION'
4 non-polymer GLYCEROL
5 non-polymer 'PENTAETHYLENE GLYCOL'
6 water water
#
_entity_poly.entity_id   1
_entity_poly.type   'polypeptide(L)'
_entity_poly.pdbx_seq_one_letter_code
;MASEVVSFSFTKFNPNPKDIILQGDALVTSKGKLQLTKVKDGKPVDHSLGRALYAAPIHIWDDSTDRVASFATSFSFVVE
APDESKTADGIAFFLAPPDTQPQKDGGFLGLFNDSNKSIQTVAVEFDTFSNTWDPSARHIGINVNSIESMKYVKWGWENG
KVANVYISYEASTKTLTASLTYPSNATSYIVSANVDLKSALPEWVRVGFSATSGLSRDHVETHDVLDWSFTSTLQAPSDD
SNLEHHHHHH
;
_entity_poly.pdbx_strand_id   A,B
#
# COMPACT_ATOMS: atom_id res chain seq x y z
N SER A 3 -4.48 10.51 -22.91
CA SER A 3 -4.61 10.43 -21.44
C SER A 3 -6.07 10.68 -20.86
N GLU A 4 -6.56 9.72 -20.04
CA GLU A 4 -7.87 9.80 -19.42
C GLU A 4 -7.68 9.46 -17.93
N VAL A 5 -8.07 10.38 -17.04
CA VAL A 5 -7.89 10.13 -15.59
C VAL A 5 -9.25 10.30 -14.94
N VAL A 6 -9.59 9.45 -13.99
CA VAL A 6 -10.81 9.60 -13.23
C VAL A 6 -10.44 9.37 -11.78
N SER A 7 -11.00 10.16 -10.88
CA SER A 7 -10.70 10.04 -9.47
C SER A 7 -11.96 10.41 -8.69
N PHE A 8 -12.21 9.74 -7.60
CA PHE A 8 -13.33 10.07 -6.74
C PHE A 8 -12.95 9.64 -5.32
N SER A 9 -13.56 10.32 -4.35
CA SER A 9 -13.20 10.11 -3.01
C SER A 9 -14.39 10.48 -2.10
N PHE A 10 -14.79 9.58 -1.20
CA PHE A 10 -15.87 9.83 -0.29
C PHE A 10 -15.32 9.52 1.13
N THR A 11 -15.37 10.47 2.03
CA THR A 11 -15.01 10.17 3.42
C THR A 11 -16.11 9.45 4.16
N LYS A 12 -17.35 9.62 3.72
CA LYS A 12 -18.51 8.82 4.14
C LYS A 12 -19.48 8.81 2.99
N PHE A 13 -20.44 7.90 3.03
CA PHE A 13 -21.45 7.84 1.97
C PHE A 13 -22.70 8.63 2.30
N ASN A 14 -23.31 9.25 1.30
CA ASN A 14 -24.60 9.93 1.39
C ASN A 14 -25.73 8.89 1.33
N PRO A 15 -26.78 9.04 2.12
CA PRO A 15 -27.83 8.04 1.94
C PRO A 15 -28.52 8.36 0.59
N ASN A 16 -29.10 7.38 -0.06
CA ASN A 16 -29.49 7.58 -1.47
C ASN A 16 -28.45 8.30 -2.34
N PRO A 17 -27.32 7.65 -2.54
CA PRO A 17 -26.28 8.16 -3.42
C PRO A 17 -26.60 7.89 -4.87
N LYS A 18 -26.73 8.95 -5.68
CA LYS A 18 -27.06 8.83 -7.06
C LYS A 18 -25.86 8.46 -7.93
N ASP A 19 -24.64 8.53 -7.38
CA ASP A 19 -23.43 8.11 -8.13
C ASP A 19 -22.95 6.74 -7.77
N ILE A 20 -23.79 5.98 -7.04
CA ILE A 20 -23.48 4.60 -6.71
C ILE A 20 -24.67 3.77 -7.11
N ILE A 21 -24.45 2.69 -7.80
CA ILE A 21 -25.48 1.81 -8.18
C ILE A 21 -25.54 0.75 -7.08
N LEU A 22 -26.65 0.69 -6.36
CA LEU A 22 -26.83 -0.29 -5.27
C LEU A 22 -27.59 -1.49 -5.80
N GLN A 23 -27.14 -2.69 -5.45
CA GLN A 23 -27.74 -3.89 -5.92
C GLN A 23 -27.98 -4.82 -4.74
N GLY A 24 -29.01 -5.68 -4.89
CA GLY A 24 -29.38 -6.66 -3.86
C GLY A 24 -29.76 -5.89 -2.63
N ASP A 25 -29.15 -6.21 -1.51
CA ASP A 25 -29.53 -5.65 -0.22
C ASP A 25 -28.79 -4.39 0.21
N ALA A 26 -27.90 -3.91 -0.63
CA ALA A 26 -26.99 -2.86 -0.22
C ALA A 26 -27.77 -1.61 0.02
N LEU A 27 -27.34 -0.88 1.05
CA LEU A 27 -27.93 0.38 1.38
C LEU A 27 -26.93 1.23 2.11
N VAL A 28 -27.15 2.52 2.10
CA VAL A 28 -26.38 3.45 2.92
C VAL A 28 -27.21 3.85 4.13
N THR A 29 -26.60 3.72 5.29
CA THR A 29 -27.27 4.08 6.53
C THR A 29 -27.27 5.61 6.79
N SER A 30 -28.12 6.05 7.70
CA SER A 30 -28.18 7.47 8.07
C SER A 30 -26.83 8.00 8.63
N LYS A 31 -25.95 7.12 9.15
CA LYS A 31 -24.67 7.53 9.65
C LYS A 31 -23.65 7.53 8.50
N GLY A 32 -24.08 7.20 7.29
CA GLY A 32 -23.22 7.25 6.10
C GLY A 32 -22.37 6.01 5.83
N LYS A 33 -22.76 4.87 6.39
CA LYS A 33 -22.09 3.61 6.10
C LYS A 33 -22.75 2.91 4.96
N LEU A 34 -21.92 2.24 4.16
CA LEU A 34 -22.39 1.40 3.07
C LEU A 34 -22.53 0.00 3.64
N GLN A 35 -23.78 -0.33 3.91
CA GLN A 35 -24.15 -1.57 4.59
C GLN A 35 -24.52 -2.57 3.48
N LEU A 36 -23.57 -3.41 3.12
CA LEU A 36 -23.71 -4.21 1.92
C LEU A 36 -24.69 -5.37 2.21
N THR A 37 -24.62 -5.89 3.43
CA THR A 37 -25.55 -7.01 3.81
C THR A 37 -26.49 -6.66 4.93
N LYS A 38 -27.64 -7.31 4.90
CA LYS A 38 -28.80 -6.95 5.72
C LYS A 38 -28.54 -7.07 7.21
N VAL A 39 -29.01 -6.07 7.95
CA VAL A 39 -29.00 -6.17 9.41
C VAL A 39 -30.39 -5.85 9.83
N LYS A 40 -30.96 -6.61 10.74
CA LYS A 40 -32.26 -6.31 11.33
C LYS A 40 -32.18 -6.50 12.84
N ASP A 41 -32.95 -5.68 13.57
CA ASP A 41 -32.84 -5.60 15.01
C ASP A 41 -31.40 -5.22 15.07
N GLY A 42 -30.57 -5.78 15.93
CA GLY A 42 -29.15 -5.42 15.74
C GLY A 42 -28.28 -6.39 14.96
N LYS A 43 -28.87 -7.32 14.25
CA LYS A 43 -28.12 -8.49 13.86
C LYS A 43 -27.93 -8.73 12.37
N PRO A 44 -26.75 -9.19 11.97
CA PRO A 44 -26.65 -9.54 10.56
C PRO A 44 -27.52 -10.72 10.24
N VAL A 45 -28.11 -10.73 9.06
CA VAL A 45 -29.09 -11.73 8.65
C VAL A 45 -28.46 -12.68 7.60
N ASP A 46 -28.90 -13.93 7.57
CA ASP A 46 -28.36 -14.93 6.58
C ASP A 46 -28.94 -14.74 5.19
N HIS A 47 -28.29 -15.36 4.20
CA HIS A 47 -28.73 -15.29 2.81
C HIS A 47 -28.77 -13.89 2.22
N SER A 48 -27.95 -12.97 2.70
CA SER A 48 -27.95 -11.61 2.19
C SER A 48 -26.85 -11.47 1.12
N LEU A 49 -27.12 -10.65 0.12
CA LEU A 49 -26.14 -10.28 -0.89
C LEU A 49 -26.37 -8.82 -1.27
N GLY A 50 -25.28 -8.04 -1.32
CA GLY A 50 -25.38 -6.64 -1.70
C GLY A 50 -24.14 -6.25 -2.46
N ARG A 51 -24.30 -5.38 -3.45
CA ARG A 51 -23.14 -4.84 -4.21
C ARG A 51 -23.39 -3.36 -4.40
N ALA A 52 -22.30 -2.62 -4.67
CA ALA A 52 -22.36 -1.20 -4.92
C ALA A 52 -21.30 -0.92 -6.00
N LEU A 53 -21.68 -0.20 -7.04
CA LEU A 53 -20.71 0.19 -8.09
C LEU A 53 -20.74 1.67 -8.30
N TYR A 54 -19.57 2.25 -8.63
CA TYR A 54 -19.54 3.64 -9.02
C TYR A 54 -20.28 3.77 -10.35
N ALA A 55 -21.05 4.84 -10.47
CA ALA A 55 -21.88 5.09 -11.64
C ALA A 55 -21.14 5.19 -12.99
N ALA A 56 -19.95 5.83 -13.03
CA ALA A 56 -19.20 5.92 -14.25
C ALA A 56 -18.40 4.66 -14.53
N PRO A 57 -18.53 4.11 -15.73
CA PRO A 57 -17.54 3.15 -16.15
C PRO A 57 -16.17 3.76 -16.24
N ILE A 58 -15.19 2.88 -16.05
CA ILE A 58 -13.80 3.21 -15.98
C ILE A 58 -13.15 2.57 -17.21
N HIS A 59 -12.37 3.36 -17.89
CA HIS A 59 -11.67 2.87 -19.11
C HIS A 59 -10.36 2.27 -18.77
N ILE A 60 -10.30 0.96 -18.69
CA ILE A 60 -9.10 0.28 -18.16
C ILE A 60 -8.07 -0.16 -19.17
N TRP A 61 -8.45 -0.28 -20.43
CA TRP A 61 -7.49 -0.45 -21.51
C TRP A 61 -8.09 0.03 -22.80
N ASP A 62 -7.27 0.26 -23.82
CA ASP A 62 -7.68 0.79 -25.14
C ASP A 62 -6.80 0.24 -26.22
N ASP A 63 -7.38 -0.68 -26.94
CA ASP A 63 -6.64 -1.33 -27.98
C ASP A 63 -6.18 -0.37 -29.02
N SER A 64 -7.02 0.54 -29.44
CA SER A 64 -6.67 1.44 -30.53
C SER A 64 -5.40 2.28 -30.28
N THR A 65 -4.94 2.36 -29.03
CA THR A 65 -3.71 3.11 -28.68
C THR A 65 -2.75 2.36 -27.82
N ASP A 66 -3.01 1.09 -27.54
CA ASP A 66 -2.21 0.25 -26.70
C ASP A 66 -1.96 0.89 -25.34
N ARG A 67 -3.00 1.48 -24.76
CA ARG A 67 -2.91 2.04 -23.44
C ARG A 67 -3.49 1.03 -22.49
N VAL A 68 -2.98 0.99 -21.28
CA VAL A 68 -3.53 0.08 -20.28
C VAL A 68 -3.52 0.89 -18.99
N ALA A 69 -4.59 0.88 -18.22
CA ALA A 69 -4.70 1.77 -17.05
C ALA A 69 -3.89 1.25 -15.89
N SER A 70 -3.30 2.15 -15.14
CA SER A 70 -2.84 1.86 -13.75
C SER A 70 -3.90 2.46 -12.82
N PHE A 71 -4.27 1.79 -11.73
CA PHE A 71 -5.24 2.36 -10.79
C PHE A 71 -4.87 2.05 -9.33
N ALA A 72 -5.43 2.81 -8.40
CA ALA A 72 -5.26 2.57 -6.97
C ALA A 72 -6.58 2.89 -6.29
N THR A 73 -6.95 2.08 -5.31
CA THR A 73 -8.13 2.34 -4.52
C THR A 73 -7.82 2.10 -3.04
N SER A 74 -8.41 2.88 -2.16
CA SER A 74 -8.28 2.71 -0.71
C SER A 74 -9.69 2.73 -0.13
N PHE A 75 -9.94 1.91 0.87
CA PHE A 75 -11.24 1.97 1.52
C PHE A 75 -11.05 1.34 2.88
N SER A 76 -11.98 1.61 3.80
CA SER A 76 -11.96 1.00 5.13
C SER A 76 -13.28 0.27 5.35
N PHE A 77 -13.20 -0.95 5.88
CA PHE A 77 -14.39 -1.78 6.06
C PHE A 77 -14.37 -2.46 7.41
N VAL A 78 -15.55 -2.92 7.80
CA VAL A 78 -15.75 -3.63 9.09
C VAL A 78 -16.61 -4.87 8.78
N VAL A 79 -16.17 -6.00 9.33
CA VAL A 79 -16.97 -7.22 9.39
C VAL A 79 -17.15 -7.58 10.88
N GLU A 80 -18.38 -7.48 11.39
CA GLU A 80 -18.72 -7.80 12.75
C GLU A 80 -19.59 -9.06 12.77
N ALA A 81 -19.23 -10.01 13.64
CA ALA A 81 -19.89 -11.31 13.71
C ALA A 81 -20.31 -11.55 15.16
N PRO A 82 -21.55 -11.99 15.37
CA PRO A 82 -21.86 -12.36 16.77
C PRO A 82 -21.16 -13.61 17.27
N ASP A 83 -20.78 -14.53 16.38
CA ASP A 83 -19.97 -15.68 16.77
C ASP A 83 -18.64 -15.79 15.98
N GLU A 84 -17.53 -15.54 16.67
CA GLU A 84 -16.20 -15.59 16.05
C GLU A 84 -15.92 -16.87 15.26
N SER A 85 -16.46 -18.00 15.72
CA SER A 85 -16.16 -19.28 15.09
C SER A 85 -17.11 -19.67 13.95
N LYS A 86 -18.11 -18.83 13.66
CA LYS A 86 -19.15 -19.06 12.66
C LYS A 86 -19.32 -17.79 11.82
N THR A 87 -18.35 -17.64 10.95
CA THR A 87 -18.33 -16.54 9.96
C THR A 87 -18.55 -16.95 8.52
N ALA A 88 -19.35 -16.15 7.83
CA ALA A 88 -19.46 -16.28 6.38
C ALA A 88 -20.20 -15.09 5.77
N ASP A 89 -20.04 -14.83 4.48
CA ASP A 89 -19.05 -15.49 3.57
C ASP A 89 -17.86 -14.56 3.17
N GLY A 90 -18.08 -13.25 3.11
CA GLY A 90 -17.01 -12.26 2.96
C GLY A 90 -17.40 -11.05 2.10
N ILE A 91 -16.39 -10.21 1.81
CA ILE A 91 -16.60 -8.93 1.05
C ILE A 91 -15.46 -8.87 0.05
N ALA A 92 -15.67 -8.19 -1.07
CA ALA A 92 -14.67 -8.12 -2.07
C ALA A 92 -14.77 -6.73 -2.78
N PHE A 93 -13.62 -6.24 -3.19
CA PHE A 93 -13.56 -5.16 -4.19
C PHE A 93 -13.44 -5.81 -5.56
N PHE A 94 -14.15 -5.30 -6.57
CA PHE A 94 -14.05 -5.90 -7.89
C PHE A 94 -14.25 -4.91 -9.07
N LEU A 95 -13.84 -5.39 -10.24
CA LEU A 95 -14.05 -4.78 -11.56
C LEU A 95 -14.78 -5.84 -12.42
N ALA A 96 -15.80 -5.39 -13.14
CA ALA A 96 -16.58 -6.26 -14.03
C ALA A 96 -17.16 -5.41 -15.20
N PRO A 97 -17.75 -6.06 -16.22
CA PRO A 97 -18.37 -5.25 -17.26
C PRO A 97 -19.44 -4.30 -16.72
N PRO A 98 -19.70 -3.20 -17.43
CA PRO A 98 -20.57 -2.18 -16.81
C PRO A 98 -21.99 -2.60 -16.52
N ASP A 99 -22.50 -3.59 -17.22
CA ASP A 99 -23.86 -4.06 -17.00
C ASP A 99 -23.87 -5.20 -15.99
N THR A 100 -22.75 -5.39 -15.27
CA THR A 100 -22.68 -6.45 -14.29
C THR A 100 -23.90 -6.51 -13.33
N GLN A 101 -24.37 -7.73 -13.13
CA GLN A 101 -25.46 -8.02 -12.23
C GLN A 101 -25.04 -9.03 -11.15
N PRO A 102 -25.71 -9.01 -9.97
CA PRO A 102 -25.39 -9.96 -8.90
C PRO A 102 -25.39 -11.43 -9.37
N GLN A 103 -24.39 -12.22 -9.02
CA GLN A 103 -24.27 -13.60 -9.35
C GLN A 103 -24.43 -14.37 -8.01
N LYS A 104 -24.15 -15.64 -7.99
CA LYS A 104 -24.43 -16.42 -6.77
C LYS A 104 -24.15 -15.88 -5.34
N ASP A 105 -25.09 -16.16 -4.45
CA ASP A 105 -24.89 -15.78 -3.03
C ASP A 105 -23.99 -16.77 -2.27
N GLY A 106 -23.89 -16.58 -0.95
CA GLY A 106 -23.05 -17.44 -0.11
C GLY A 106 -21.62 -17.34 -0.50
N GLY A 107 -21.00 -18.52 -0.67
CA GLY A 107 -19.58 -18.63 -0.96
C GLY A 107 -19.14 -18.02 -2.31
N PHE A 108 -20.10 -17.64 -3.15
CA PHE A 108 -19.75 -17.07 -4.45
C PHE A 108 -19.62 -15.54 -4.35
N LEU A 109 -20.00 -15.01 -3.19
CA LEU A 109 -19.75 -13.59 -2.82
C LEU A 109 -20.51 -12.59 -3.69
N GLY A 110 -21.51 -13.09 -4.41
CA GLY A 110 -22.24 -12.25 -5.38
C GLY A 110 -21.49 -11.92 -6.66
N LEU A 111 -20.33 -12.52 -6.82
CA LEU A 111 -19.40 -12.29 -7.91
C LEU A 111 -19.37 -13.38 -8.97
N PHE A 112 -19.44 -14.63 -8.52
CA PHE A 112 -19.20 -15.76 -9.39
C PHE A 112 -20.34 -16.77 -9.35
N ASN A 113 -20.15 -17.83 -10.12
CA ASN A 113 -21.17 -18.90 -10.24
C ASN A 113 -20.54 -20.13 -10.87
N ASP A 114 -20.91 -21.31 -10.38
CA ASP A 114 -20.37 -22.56 -10.90
C ASP A 114 -21.09 -22.98 -12.17
N ASN A 116 -22.65 -23.17 -15.07
CA ASN A 116 -21.46 -23.02 -15.90
C ASN A 116 -21.35 -21.68 -16.65
N LYS A 117 -21.41 -20.59 -15.90
CA LYS A 117 -21.32 -19.28 -16.51
C LYS A 117 -19.87 -18.95 -16.64
N SER A 118 -19.56 -18.19 -17.68
CA SER A 118 -18.23 -17.61 -17.87
C SER A 118 -18.37 -16.11 -17.57
N ILE A 119 -17.78 -15.74 -16.47
CA ILE A 119 -18.06 -14.46 -15.90
C ILE A 119 -16.71 -13.73 -15.97
N GLN A 120 -16.80 -12.49 -16.43
CA GLN A 120 -15.64 -11.59 -16.43
C GLN A 120 -15.72 -10.79 -15.12
N THR A 121 -14.79 -11.00 -14.21
CA THR A 121 -14.71 -10.23 -12.96
C THR A 121 -13.33 -10.45 -12.32
N VAL A 122 -12.68 -9.37 -11.92
CA VAL A 122 -11.41 -9.44 -11.25
C VAL A 122 -11.70 -8.92 -9.89
N ALA A 123 -11.27 -9.62 -8.86
CA ALA A 123 -11.62 -9.20 -7.53
C ALA A 123 -10.49 -9.41 -6.53
N VAL A 124 -10.50 -8.58 -5.52
CA VAL A 124 -9.79 -8.85 -4.29
C VAL A 124 -10.81 -9.20 -3.22
N GLU A 125 -10.73 -10.43 -2.73
CA GLU A 125 -11.70 -10.93 -1.75
C GLU A 125 -11.15 -11.03 -0.34
N PHE A 126 -12.01 -10.75 0.62
CA PHE A 126 -11.71 -10.87 2.05
C PHE A 126 -12.74 -11.96 2.49
N ASP A 127 -12.23 -13.19 2.40
CA ASP A 127 -13.03 -14.40 2.58
C ASP A 127 -12.94 -14.85 4.00
N THR A 128 -14.11 -15.03 4.60
CA THR A 128 -14.22 -15.38 5.99
C THR A 128 -14.65 -16.84 6.18
N PHE A 129 -14.87 -17.61 5.12
CA PHE A 129 -15.38 -18.96 5.28
C PHE A 129 -14.73 -19.84 4.25
N SER A 130 -14.15 -20.95 4.72
CA SER A 130 -13.39 -21.88 3.86
C SER A 130 -14.24 -22.89 3.12
N ASN A 131 -14.57 -22.57 1.88
CA ASN A 131 -15.33 -23.47 1.03
C ASN A 131 -14.39 -24.54 0.41
N THR A 132 -14.92 -25.43 -0.42
CA THR A 132 -14.10 -26.53 -0.93
C THR A 132 -12.92 -26.08 -1.77
N TRP A 133 -13.11 -24.96 -2.46
CA TRP A 133 -12.11 -24.39 -3.35
C TRP A 133 -11.18 -23.41 -2.64
N ASP A 134 -11.29 -23.26 -1.32
CA ASP A 134 -10.55 -22.23 -0.56
C ASP A 134 -9.45 -22.90 0.24
N PRO A 135 -8.37 -22.16 0.58
CA PRO A 135 -7.49 -22.71 1.63
C PRO A 135 -8.16 -22.70 3.00
N SER A 136 -7.52 -23.30 4.00
CA SER A 136 -8.27 -23.68 5.20
C SER A 136 -8.68 -22.52 6.09
N ALA A 137 -8.03 -21.41 5.96
CA ALA A 137 -8.14 -20.35 6.95
C ALA A 137 -8.71 -19.15 6.20
N ARG A 138 -9.16 -18.14 6.94
CA ARG A 138 -9.62 -16.88 6.40
C ARG A 138 -8.45 -16.27 5.63
N HIS A 139 -8.76 -15.61 4.51
CA HIS A 139 -7.73 -15.33 3.51
C HIS A 139 -8.12 -14.04 2.72
N ILE A 140 -7.10 -13.34 2.26
CA ILE A 140 -7.25 -12.25 1.28
C ILE A 140 -6.78 -12.86 -0.02
N GLY A 141 -7.63 -12.90 -1.04
CA GLY A 141 -7.34 -13.60 -2.28
C GLY A 141 -7.45 -12.63 -3.50
N ILE A 142 -6.67 -12.91 -4.52
CA ILE A 142 -6.76 -12.29 -5.84
C ILE A 142 -7.43 -13.27 -6.79
N ASN A 143 -8.54 -12.86 -7.39
CA ASN A 143 -9.32 -13.75 -8.20
C ASN A 143 -9.51 -13.22 -9.57
N VAL A 144 -9.19 -14.06 -10.55
CA VAL A 144 -9.33 -13.69 -11.97
C VAL A 144 -10.36 -14.58 -12.69
N ASN A 145 -11.58 -14.06 -12.80
CA ASN A 145 -12.69 -14.78 -13.46
C ASN A 145 -13.01 -16.17 -12.86
N SER A 146 -12.76 -16.33 -11.59
CA SER A 146 -13.09 -17.54 -10.88
C SER A 146 -13.16 -17.27 -9.37
N ILE A 147 -13.92 -18.11 -8.65
CA ILE A 147 -14.08 -17.98 -7.23
C ILE A 147 -12.87 -18.60 -6.57
N GLU A 148 -12.11 -19.36 -7.34
CA GLU A 148 -10.87 -19.94 -6.83
C GLU A 148 -9.77 -18.90 -7.06
N SER A 149 -9.07 -18.50 -5.99
CA SER A 149 -8.06 -17.42 -6.03
C SER A 149 -6.77 -17.85 -6.71
N MET A 150 -6.19 -16.97 -7.51
CA MET A 150 -4.97 -17.35 -8.20
C MET A 150 -3.82 -17.24 -7.22
N LYS A 151 -3.93 -16.39 -6.20
CA LYS A 151 -2.96 -16.25 -5.11
C LYS A 151 -3.74 -15.75 -3.90
N TYR A 152 -3.26 -16.06 -2.69
CA TYR A 152 -3.88 -15.63 -1.45
C TYR A 152 -2.88 -15.47 -0.36
N VAL A 153 -3.28 -14.81 0.72
CA VAL A 153 -2.48 -14.76 1.89
C VAL A 153 -3.39 -14.95 3.09
N LYS A 154 -2.92 -15.67 4.10
CA LYS A 154 -3.71 -15.84 5.31
C LYS A 154 -4.04 -14.50 5.96
N TRP A 155 -5.32 -14.33 6.35
CA TRP A 155 -5.87 -13.09 6.88
C TRP A 155 -6.35 -13.38 8.29
N GLY A 156 -5.77 -12.72 9.29
CA GLY A 156 -6.27 -12.77 10.67
C GLY A 156 -7.33 -11.70 10.82
N TRP A 157 -8.54 -12.04 10.44
CA TRP A 157 -9.68 -11.16 10.65
C TRP A 157 -9.84 -10.67 12.08
N GLU A 158 -10.09 -9.38 12.25
CA GLU A 158 -10.44 -8.82 13.55
C GLU A 158 -11.89 -8.36 13.65
N ASN A 159 -12.62 -9.05 14.51
CA ASN A 159 -14.03 -8.86 14.65
C ASN A 159 -14.38 -7.45 15.02
N GLY A 160 -15.16 -6.81 14.13
CA GLY A 160 -15.73 -5.54 14.47
C GLY A 160 -14.72 -4.42 14.36
N LYS A 161 -13.52 -4.66 13.84
CA LYS A 161 -12.49 -3.60 13.85
C LYS A 161 -12.31 -3.00 12.44
N VAL A 162 -11.96 -1.75 12.37
CA VAL A 162 -11.80 -1.10 11.07
C VAL A 162 -10.53 -1.64 10.34
N ALA A 163 -10.72 -2.19 9.15
CA ALA A 163 -9.61 -2.56 8.29
C ALA A 163 -9.39 -1.48 7.20
N ASN A 164 -8.13 -1.02 7.05
CA ASN A 164 -7.75 -0.07 5.96
C ASN A 164 -7.17 -0.87 4.80
N VAL A 165 -7.77 -0.77 3.65
CA VAL A 165 -7.29 -1.53 2.49
C VAL A 165 -6.72 -0.60 1.42
N TYR A 166 -5.60 -0.99 0.83
CA TYR A 166 -5.06 -0.31 -0.37
C TYR A 166 -4.80 -1.33 -1.48
N ILE A 167 -5.32 -1.05 -2.66
CA ILE A 167 -5.11 -1.92 -3.80
C ILE A 167 -4.54 -1.10 -4.91
N SER A 168 -3.47 -1.58 -5.54
CA SER A 168 -2.91 -0.88 -6.72
C SER A 168 -2.62 -1.85 -7.83
N TYR A 169 -2.68 -1.32 -9.04
CA TYR A 169 -2.35 -2.05 -10.24
C TYR A 169 -1.45 -1.24 -11.12
N GLU A 170 -0.25 -1.77 -11.36
CA GLU A 170 0.77 -1.13 -12.11
C GLU A 170 0.72 -1.74 -13.50
N ALA A 171 0.19 -1.02 -14.47
CA ALA A 171 0.08 -1.53 -15.85
C ALA A 171 1.36 -1.99 -16.55
N SER A 172 2.45 -1.29 -16.35
CA SER A 172 3.63 -1.61 -17.09
C SER A 172 4.21 -2.99 -16.67
N THR A 173 3.87 -3.50 -15.48
CA THR A 173 4.35 -4.81 -14.99
C THR A 173 3.25 -5.82 -14.74
N LYS A 174 2.00 -5.43 -14.98
CA LYS A 174 0.80 -6.22 -14.75
C LYS A 174 0.77 -6.70 -13.31
N THR A 175 1.13 -5.82 -12.43
CA THR A 175 1.17 -6.22 -11.00
C THR A 175 0.02 -5.63 -10.23
N LEU A 176 -0.83 -6.52 -9.69
CA LEU A 176 -1.95 -6.21 -8.80
C LEU A 176 -1.47 -6.50 -7.37
N THR A 177 -1.55 -5.52 -6.48
CA THR A 177 -1.17 -5.70 -5.07
C THR A 177 -2.35 -5.28 -4.21
N ALA A 178 -2.58 -6.00 -3.11
CA ALA A 178 -3.63 -5.75 -2.15
C ALA A 178 -3.09 -5.84 -0.73
N SER A 179 -3.28 -4.78 0.05
CA SER A 179 -2.85 -4.73 1.42
C SER A 179 -4.01 -4.39 2.32
N LEU A 180 -3.94 -4.90 3.55
CA LEU A 180 -4.97 -4.68 4.59
C LEU A 180 -4.24 -4.40 5.87
N THR A 181 -4.60 -3.33 6.55
CA THR A 181 -3.98 -2.95 7.82
C THR A 181 -5.10 -2.72 8.82
N TYR A 182 -4.96 -3.26 10.04
CA TYR A 182 -5.82 -2.85 11.15
C TYR A 182 -5.07 -1.82 11.94
N PRO A 183 -5.50 -0.55 11.88
CA PRO A 183 -4.89 0.51 12.68
C PRO A 183 -5.02 0.35 14.17
N SER A 184 -6.05 -0.33 14.67
CA SER A 184 -6.17 -0.57 16.11
C SER A 184 -4.99 -1.34 16.55
N ASN A 185 -4.66 -2.35 15.77
CA ASN A 185 -3.57 -3.28 15.99
C ASN A 185 -2.21 -3.11 15.32
N ALA A 186 -2.12 -2.18 14.38
CA ALA A 186 -0.93 -2.07 13.55
C ALA A 186 -0.54 -3.44 13.00
N THR A 187 -1.49 -4.22 12.51
CA THR A 187 -1.17 -5.51 11.96
C THR A 187 -1.56 -5.46 10.50
N SER A 188 -0.71 -6.01 9.65
CA SER A 188 -0.85 -5.86 8.20
C SER A 188 -0.63 -7.14 7.43
N TYR A 189 -1.24 -7.22 6.28
CA TYR A 189 -1.20 -8.34 5.37
C TYR A 189 -1.11 -7.81 3.97
N ILE A 190 -0.43 -8.57 3.10
CA ILE A 190 -0.27 -8.14 1.69
C ILE A 190 -0.20 -9.38 0.81
N VAL A 191 -0.70 -9.23 -0.40
CA VAL A 191 -0.57 -10.22 -1.44
C VAL A 191 -0.53 -9.54 -2.81
N SER A 192 0.25 -10.08 -3.72
CA SER A 192 0.38 -9.53 -5.11
C SER A 192 0.29 -10.64 -6.11
N ALA A 193 -0.13 -10.32 -7.33
CA ALA A 193 -0.13 -11.28 -8.40
C ALA A 193 0.06 -10.59 -9.73
N ASN A 194 0.71 -11.30 -10.65
CA ASN A 194 0.69 -10.87 -12.04
C ASN A 194 -0.69 -11.15 -12.67
N VAL A 195 -1.39 -10.09 -13.05
CA VAL A 195 -2.74 -10.19 -13.60
C VAL A 195 -2.84 -9.37 -14.91
N ASP A 196 -3.25 -10.01 -16.00
CA ASP A 196 -3.36 -9.28 -17.28
C ASP A 196 -4.80 -8.81 -17.45
N LEU A 197 -5.02 -7.56 -17.10
CA LEU A 197 -6.38 -7.00 -17.09
C LEU A 197 -7.00 -7.06 -18.44
N LYS A 198 -6.15 -6.88 -19.43
CA LYS A 198 -6.52 -6.85 -20.82
C LYS A 198 -7.20 -8.09 -21.29
N SER A 199 -6.78 -9.22 -20.79
CA SER A 199 -7.35 -10.48 -21.22
C SER A 199 -8.44 -10.99 -20.30
N ALA A 200 -8.51 -10.46 -19.08
CA ALA A 200 -9.55 -10.86 -18.17
C ALA A 200 -10.81 -10.07 -18.33
N LEU A 201 -10.71 -8.84 -18.85
CA LEU A 201 -11.81 -7.89 -18.75
C LEU A 201 -11.98 -7.10 -20.04
N PRO A 202 -13.18 -6.54 -20.25
CA PRO A 202 -13.39 -5.66 -21.41
C PRO A 202 -12.74 -4.29 -21.16
N GLU A 203 -12.72 -3.44 -22.17
CA GLU A 203 -12.09 -2.13 -22.16
C GLU A 203 -12.62 -1.21 -21.07
N TRP A 204 -13.92 -1.28 -20.86
CA TRP A 204 -14.59 -0.52 -19.85
C TRP A 204 -15.23 -1.43 -18.77
N VAL A 205 -15.09 -1.03 -17.51
CA VAL A 205 -15.57 -1.83 -16.37
C VAL A 205 -16.26 -0.88 -15.40
N ARG A 206 -17.05 -1.45 -14.49
CA ARG A 206 -17.58 -0.75 -13.33
C ARG A 206 -16.93 -1.35 -12.07
N VAL A 207 -16.49 -0.48 -11.16
CA VAL A 207 -15.77 -0.89 -9.99
C VAL A 207 -16.60 -0.70 -8.78
N GLY A 208 -16.36 -1.52 -7.74
CA GLY A 208 -17.12 -1.40 -6.50
C GLY A 208 -16.92 -2.61 -5.60
N PHE A 209 -17.98 -2.94 -4.87
CA PHE A 209 -17.90 -3.93 -3.79
C PHE A 209 -19.04 -4.91 -3.88
N SER A 210 -18.86 -6.04 -3.24
CA SER A 210 -19.89 -7.08 -3.18
C SER A 210 -19.62 -7.85 -1.90
N ALA A 211 -20.67 -8.27 -1.24
CA ALA A 211 -20.53 -9.09 -0.02
C ALA A 211 -21.75 -9.96 0.14
N THR A 212 -21.57 -11.04 0.90
CA THR A 212 -22.64 -11.95 1.22
C THR A 212 -22.46 -12.47 2.64
N SER A 213 -23.58 -12.68 3.31
CA SER A 213 -23.59 -13.40 4.61
C SER A 213 -23.86 -14.87 4.34
N GLY A 214 -23.57 -15.71 5.33
CA GLY A 214 -23.73 -17.15 5.19
C GLY A 214 -25.15 -17.61 4.92
N LEU A 215 -25.23 -18.80 4.36
CA LEU A 215 -26.50 -19.40 4.05
C LEU A 215 -27.11 -20.20 5.19
N SER A 216 -26.40 -20.35 6.30
CA SER A 216 -27.00 -20.88 7.53
C SER A 216 -27.34 -19.73 8.41
N ARG A 217 -28.36 -19.93 9.22
CA ARG A 217 -28.78 -18.88 10.13
C ARG A 217 -27.66 -18.53 11.14
N ASP A 218 -26.75 -19.46 11.42
CA ASP A 218 -25.73 -19.26 12.46
C ASP A 218 -24.42 -18.63 11.91
N HIS A 219 -24.24 -18.60 10.60
CA HIS A 219 -22.99 -18.11 10.04
C HIS A 219 -23.22 -16.72 9.48
N VAL A 220 -23.41 -15.74 10.35
CA VAL A 220 -23.77 -14.40 9.90
C VAL A 220 -22.73 -13.38 10.34
N GLU A 221 -22.54 -12.35 9.50
CA GLU A 221 -21.70 -11.22 9.86
C GLU A 221 -22.13 -10.03 8.99
N THR A 222 -21.76 -8.84 9.44
CA THR A 222 -21.94 -7.62 8.66
C THR A 222 -20.80 -7.43 7.67
N HIS A 223 -21.02 -6.57 6.67
CA HIS A 223 -20.02 -6.20 5.69
C HIS A 223 -20.25 -4.77 5.35
N ASP A 224 -19.61 -3.87 6.11
CA ASP A 224 -19.80 -2.46 6.02
C ASP A 224 -18.61 -1.71 5.45
N VAL A 225 -18.83 -0.85 4.49
CA VAL A 225 -17.75 0.00 3.95
C VAL A 225 -17.93 1.44 4.49
N LEU A 226 -16.85 2.02 5.03
CA LEU A 226 -16.96 3.28 5.71
C LEU A 226 -16.53 4.49 4.85
N ASP A 227 -15.62 4.27 3.91
CA ASP A 227 -15.16 5.33 3.00
C ASP A 227 -14.62 4.69 1.72
N TRP A 228 -14.12 5.48 0.77
CA TRP A 228 -13.62 4.88 -0.42
C TRP A 228 -13.03 5.98 -1.33
N SER A 229 -11.85 5.76 -1.80
CA SER A 229 -11.26 6.61 -2.82
C SER A 229 -10.67 5.73 -3.96
N PHE A 230 -10.74 6.23 -5.20
CA PHE A 230 -10.39 5.45 -6.40
C PHE A 230 -9.70 6.41 -7.37
N THR A 231 -8.65 5.98 -8.05
CA THR A 231 -8.09 6.80 -9.10
C THR A 231 -7.62 5.85 -10.21
N SER A 232 -7.87 6.18 -11.45
CA SER A 232 -7.35 5.39 -12.57
C SER A 232 -6.79 6.35 -13.63
N THR A 233 -5.67 5.99 -14.23
CA THR A 233 -5.03 6.75 -15.29
C THR A 233 -4.74 5.83 -16.50
N LEU A 234 -5.24 6.25 -17.65
CA LEU A 234 -5.03 5.55 -18.91
C LEU A 234 -4.16 6.40 -19.78
N GLN A 235 -2.91 5.99 -19.91
CA GLN A 235 -1.98 6.83 -20.57
C GLN A 235 -1.12 5.99 -21.51
N ALA A 236 -0.39 6.66 -22.36
CA ALA A 236 0.48 6.00 -23.29
C ALA A 236 1.54 5.33 -22.46
N PRO A 237 1.93 4.11 -22.81
CA PRO A 237 2.91 3.38 -21.97
C PRO A 237 4.25 4.15 -21.74
N ALA B 2 -7.77 24.99 9.03
CA ALA B 2 -6.92 25.46 7.89
C ALA B 2 -6.20 24.26 7.30
N SER B 3 -5.98 24.31 5.99
CA SER B 3 -5.33 23.25 5.26
C SER B 3 -4.04 23.65 4.50
N GLU B 4 -3.01 22.80 4.63
CA GLU B 4 -1.74 22.90 3.93
C GLU B 4 -1.39 21.55 3.29
N VAL B 5 -1.21 21.57 1.96
CA VAL B 5 -1.04 20.33 1.16
C VAL B 5 0.13 20.58 0.26
N VAL B 6 1.01 19.64 0.23
CA VAL B 6 2.13 19.64 -0.66
C VAL B 6 2.24 18.32 -1.35
N SER B 7 2.48 18.37 -2.66
N SER B 7 2.56 18.34 -2.65
CA SER B 7 2.65 17.16 -3.47
CA SER B 7 2.64 17.11 -3.41
C SER B 7 3.81 17.36 -4.47
C SER B 7 3.64 17.27 -4.57
N PHE B 8 4.53 16.30 -4.72
CA PHE B 8 5.50 16.27 -5.83
C PHE B 8 5.68 14.89 -6.41
N SER B 9 6.14 14.83 -7.66
CA SER B 9 6.25 13.55 -8.30
C SER B 9 7.30 13.61 -9.39
N PHE B 10 8.27 12.73 -9.37
CA PHE B 10 9.27 12.70 -10.43
C PHE B 10 9.25 11.28 -11.02
N THR B 11 9.06 11.13 -12.32
CA THR B 11 9.16 9.83 -12.91
C THR B 11 10.65 9.46 -13.17
N LYS B 12 11.53 10.46 -13.11
CA LYS B 12 12.97 10.30 -13.27
C LYS B 12 13.61 11.61 -12.85
N PHE B 13 14.81 11.58 -12.27
CA PHE B 13 15.39 12.80 -11.71
C PHE B 13 16.21 13.50 -12.80
N ASN B 14 16.21 14.81 -12.74
CA ASN B 14 16.98 15.57 -13.69
C ASN B 14 18.40 15.47 -13.14
N PRO B 15 19.41 15.38 -14.02
CA PRO B 15 20.78 15.22 -13.55
C PRO B 15 21.33 16.36 -12.69
N ASN B 16 20.76 17.55 -12.77
CA ASN B 16 21.16 18.64 -11.87
C ASN B 16 19.91 19.17 -11.15
N PRO B 17 19.43 18.39 -10.15
CA PRO B 17 18.14 18.68 -9.57
C PRO B 17 18.13 19.75 -8.51
N LYS B 18 17.77 20.96 -8.88
CA LYS B 18 17.77 22.06 -7.93
C LYS B 18 16.72 21.98 -6.78
N ASP B 19 15.75 21.07 -6.87
CA ASP B 19 14.76 20.91 -5.78
C ASP B 19 15.10 19.67 -4.92
N ILE B 20 16.31 19.14 -5.09
CA ILE B 20 16.82 18.06 -4.25
C ILE B 20 18.15 18.48 -3.68
N ILE B 21 18.25 18.37 -2.36
CA ILE B 21 19.48 18.62 -1.61
C ILE B 21 20.25 17.33 -1.55
N LEU B 22 21.37 17.27 -2.25
CA LEU B 22 22.17 16.07 -2.28
C LEU B 22 23.21 16.17 -1.17
N GLN B 23 23.40 15.11 -0.45
CA GLN B 23 24.36 15.05 0.66
C GLN B 23 25.24 13.84 0.57
N GLY B 24 26.47 13.95 1.12
CA GLY B 24 27.41 12.85 1.04
C GLY B 24 27.76 12.53 -0.40
N ASP B 25 27.67 11.26 -0.74
CA ASP B 25 28.10 10.78 -2.05
C ASP B 25 27.00 10.79 -3.15
N ALA B 26 25.81 11.21 -2.78
CA ALA B 26 24.63 11.05 -3.61
C ALA B 26 24.79 11.89 -4.87
N LEU B 27 24.34 11.35 -5.99
CA LEU B 27 24.25 12.12 -7.22
C LEU B 27 23.17 11.55 -8.10
N VAL B 28 22.80 12.29 -9.14
CA VAL B 28 21.87 11.83 -10.15
C VAL B 28 22.67 11.49 -11.40
N THR B 29 22.47 10.30 -11.95
CA THR B 29 23.23 9.86 -13.12
C THR B 29 22.72 10.56 -14.39
N SER B 30 23.51 10.56 -15.46
CA SER B 30 23.02 11.23 -16.68
C SER B 30 21.73 10.58 -17.22
N LYS B 31 21.45 9.34 -16.84
CA LYS B 31 20.15 8.76 -17.19
C LYS B 31 19.05 8.96 -16.15
N GLY B 32 19.29 9.76 -15.13
CA GLY B 32 18.20 10.18 -14.25
C GLY B 32 17.90 9.25 -13.07
N LYS B 33 18.89 8.44 -12.71
CA LYS B 33 18.86 7.61 -11.51
C LYS B 33 19.44 8.34 -10.30
N LEU B 34 18.78 8.29 -9.14
CA LEU B 34 19.39 8.83 -7.92
C LEU B 34 20.29 7.75 -7.31
N GLN B 35 21.58 7.95 -7.48
CA GLN B 35 22.57 6.98 -7.05
C GLN B 35 23.08 7.48 -5.68
N LEU B 36 22.57 6.90 -4.61
CA LEU B 36 22.84 7.41 -3.27
C LEU B 36 24.30 7.09 -2.85
N THR B 37 24.74 5.88 -3.15
CA THR B 37 26.08 5.46 -2.83
C THR B 37 26.96 5.25 -4.08
N LYS B 38 28.25 5.45 -3.85
CA LYS B 38 29.25 5.60 -4.92
C LYS B 38 29.38 4.39 -5.82
N VAL B 39 29.52 4.62 -7.13
CA VAL B 39 29.67 3.56 -8.13
C VAL B 39 30.86 4.00 -8.95
N LYS B 40 31.83 3.10 -9.12
CA LYS B 40 33.10 3.40 -9.76
C LYS B 40 33.34 2.33 -10.82
N ASP B 41 33.30 2.71 -12.10
CA ASP B 41 33.51 1.76 -13.18
C ASP B 41 32.57 0.66 -13.05
N GLY B 42 31.30 1.01 -12.82
CA GLY B 42 30.21 0.05 -12.79
C GLY B 42 30.13 -0.80 -11.54
N LYS B 43 30.98 -0.52 -10.56
CA LYS B 43 30.98 -1.31 -9.33
C LYS B 43 30.68 -0.41 -8.12
N PRO B 44 29.89 -0.92 -7.17
CA PRO B 44 29.69 -0.16 -5.95
C PRO B 44 30.92 -0.12 -5.06
N VAL B 45 31.20 1.02 -4.39
CA VAL B 45 32.38 1.25 -3.57
C VAL B 45 31.97 1.11 -2.08
N ASP B 46 32.90 0.68 -1.24
CA ASP B 46 32.70 0.64 0.21
C ASP B 46 32.85 2.01 0.84
N HIS B 47 32.45 2.04 2.12
CA HIS B 47 32.44 3.24 2.95
C HIS B 47 31.73 4.42 2.29
N SER B 48 30.59 4.19 1.69
CA SER B 48 29.90 5.28 0.99
C SER B 48 28.63 5.58 1.79
N LEU B 49 28.28 6.85 1.85
CA LEU B 49 27.09 7.37 2.53
C LEU B 49 26.55 8.49 1.65
N GLY B 50 25.28 8.41 1.29
CA GLY B 50 24.63 9.48 0.55
C GLY B 50 23.18 9.60 0.93
N ARG B 51 22.74 10.85 0.93
CA ARG B 51 21.33 11.20 1.23
C ARG B 51 20.79 12.24 0.21
N ALA B 52 19.47 12.39 0.20
CA ALA B 52 18.82 13.29 -0.75
C ALA B 52 17.47 13.69 -0.17
N LEU B 53 17.30 14.99 -0.01
CA LEU B 53 16.10 15.56 0.57
C LEU B 53 15.36 16.51 -0.39
N TYR B 54 14.03 16.52 -0.30
CA TYR B 54 13.26 17.48 -1.05
C TYR B 54 13.52 18.87 -0.51
N ALA B 55 13.69 19.86 -1.39
CA ALA B 55 14.05 21.23 -0.96
C ALA B 55 13.13 21.90 -0.02
N ALA B 56 11.80 21.73 -0.17
CA ALA B 56 10.86 22.43 0.70
C ALA B 56 10.62 21.61 2.01
N PRO B 57 10.76 22.26 3.14
CA PRO B 57 10.25 21.68 4.41
C PRO B 57 8.71 21.49 4.36
N ILE B 58 8.29 20.45 5.04
CA ILE B 58 6.95 19.93 5.09
C ILE B 58 6.40 20.20 6.47
N HIS B 59 5.21 20.79 6.53
CA HIS B 59 4.59 21.12 7.79
C HIS B 59 3.86 19.84 8.28
N ILE B 60 4.47 19.10 9.19
CA ILE B 60 3.83 17.84 9.64
C ILE B 60 2.99 17.89 10.92
N TRP B 61 3.17 18.93 11.75
CA TRP B 61 2.19 19.21 12.76
C TRP B 61 2.23 20.62 13.25
N ASP B 62 1.17 21.00 13.94
CA ASP B 62 0.96 22.38 14.38
C ASP B 62 0.31 22.42 15.76
N ASP B 63 1.11 22.86 16.70
CA ASP B 63 0.75 23.01 18.11
C ASP B 63 -0.38 24.04 18.17
N SER B 64 -0.15 25.19 17.55
CA SER B 64 -1.18 26.27 17.55
C SER B 64 -2.58 25.74 17.38
N THR B 65 -2.76 24.74 16.52
CA THR B 65 -4.08 24.35 16.00
C THR B 65 -4.41 22.86 16.16
N ASP B 66 -3.60 22.16 16.89
CA ASP B 66 -3.70 20.74 16.99
C ASP B 66 -3.90 19.89 15.71
N ARG B 67 -3.24 20.24 14.64
CA ARG B 67 -3.32 19.43 13.43
C ARG B 67 -2.08 18.56 13.40
N VAL B 68 -2.21 17.37 12.80
CA VAL B 68 -1.10 16.55 12.49
C VAL B 68 -1.30 16.03 11.07
N ALA B 69 -0.23 15.94 10.35
CA ALA B 69 -0.32 15.61 8.91
C ALA B 69 -0.54 14.13 8.68
N SER B 70 -1.32 13.80 7.65
CA SER B 70 -1.22 12.49 7.02
C SER B 70 -0.41 12.64 5.77
N PHE B 71 0.35 11.61 5.46
CA PHE B 71 1.17 11.60 4.25
C PHE B 71 1.29 10.25 3.62
N ALA B 72 1.68 10.26 2.33
CA ALA B 72 2.04 9.04 1.63
C ALA B 72 3.14 9.28 0.63
N THR B 73 3.85 8.23 0.37
CA THR B 73 4.99 8.31 -0.58
C THR B 73 5.11 6.97 -1.32
N SER B 74 5.45 7.05 -2.60
CA SER B 74 5.86 5.89 -3.36
C SER B 74 7.16 6.17 -4.05
N PHE B 75 7.89 5.10 -4.23
CA PHE B 75 9.20 5.10 -4.95
C PHE B 75 9.61 3.73 -5.38
N SER B 76 10.50 3.67 -6.38
CA SER B 76 11.05 2.41 -6.82
C SER B 76 12.53 2.52 -6.57
N PHE B 77 13.13 1.45 -6.10
CA PHE B 77 14.59 1.38 -5.84
C PHE B 77 15.15 0.03 -6.26
N VAL B 78 16.47 0.03 -6.50
CA VAL B 78 17.22 -1.18 -6.77
C VAL B 78 18.49 -1.23 -5.88
N VAL B 79 18.73 -2.42 -5.32
CA VAL B 79 19.98 -2.69 -4.57
C VAL B 79 20.58 -3.87 -5.27
N GLU B 80 21.69 -3.59 -5.96
CA GLU B 80 22.40 -4.54 -6.73
C GLU B 80 23.79 -4.81 -6.07
N ALA B 81 24.04 -6.09 -5.80
CA ALA B 81 25.28 -6.54 -5.10
C ALA B 81 26.10 -7.53 -5.95
N PRO B 82 27.40 -7.24 -6.15
CA PRO B 82 28.23 -8.23 -6.85
C PRO B 82 28.23 -9.62 -6.22
N ASP B 83 28.02 -9.70 -4.91
CA ASP B 83 28.04 -10.99 -4.20
C ASP B 83 26.84 -11.04 -3.31
N GLU B 84 25.89 -11.96 -3.57
CA GLU B 84 24.63 -11.97 -2.77
C GLU B 84 24.82 -12.30 -1.31
N SER B 85 25.97 -12.85 -0.97
CA SER B 85 26.26 -13.28 0.39
C SER B 85 26.98 -12.22 1.22
N LYS B 86 27.23 -11.09 0.58
CA LYS B 86 27.95 -10.03 1.18
C LYS B 86 27.32 -8.74 0.71
N THR B 87 26.23 -8.41 1.38
CA THR B 87 25.40 -7.21 1.17
C THR B 87 25.46 -6.37 2.42
N ALA B 88 25.69 -5.08 2.25
CA ALA B 88 25.58 -4.11 3.32
C ALA B 88 25.51 -2.69 2.74
N ASP B 89 24.92 -1.71 3.45
CA ASP B 89 24.21 -1.86 4.69
C ASP B 89 22.71 -1.65 4.51
N GLY B 90 22.35 -0.81 3.54
CA GLY B 90 20.91 -0.55 3.28
C GLY B 90 20.47 0.85 2.84
N ILE B 91 19.17 0.98 2.56
CA ILE B 91 18.63 2.22 2.10
C ILE B 91 17.36 2.51 2.95
N ALA B 92 17.09 3.79 3.21
CA ALA B 92 15.89 4.19 3.97
C ALA B 92 15.18 5.41 3.35
N PHE B 93 13.87 5.47 3.53
CA PHE B 93 13.15 6.71 3.42
C PHE B 93 13.02 7.32 4.82
N PHE B 94 13.15 8.64 4.96
CA PHE B 94 13.09 9.23 6.28
C PHE B 94 12.59 10.65 6.33
N LEU B 95 12.21 11.06 7.53
CA LEU B 95 11.84 12.41 7.87
C LEU B 95 12.71 12.86 8.97
N ALA B 96 13.20 14.10 8.91
CA ALA B 96 14.10 14.65 9.93
C ALA B 96 13.97 16.19 9.98
N PRO B 97 14.61 16.86 10.95
CA PRO B 97 14.50 18.30 10.99
C PRO B 97 15.10 18.97 9.73
N PRO B 98 14.64 20.17 9.37
CA PRO B 98 15.07 20.67 8.05
C PRO B 98 16.58 20.80 7.85
N ASP B 99 17.30 21.05 8.93
CA ASP B 99 18.76 21.23 8.83
C ASP B 99 19.55 19.93 8.95
N THR B 100 18.85 18.83 8.87
CA THR B 100 19.41 17.50 9.08
C THR B 100 20.68 17.29 8.19
N GLN B 101 21.72 16.74 8.81
CA GLN B 101 23.00 16.40 8.16
C GLN B 101 23.26 14.90 8.21
N PRO B 102 24.13 14.39 7.32
CA PRO B 102 24.43 12.97 7.35
C PRO B 102 25.01 12.55 8.71
N GLN B 103 24.66 11.36 9.16
CA GLN B 103 25.09 10.85 10.47
C GLN B 103 25.86 9.53 10.20
N LYS B 104 26.19 8.78 11.23
CA LYS B 104 27.16 7.72 11.05
C LYS B 104 26.97 6.75 9.87
N ASP B 105 28.08 6.20 9.43
CA ASP B 105 28.17 5.32 8.24
C ASP B 105 27.83 3.86 8.58
N GLY B 106 28.04 2.94 7.62
CA GLY B 106 27.76 1.49 7.80
C GLY B 106 26.33 1.19 8.28
N GLY B 107 26.22 0.41 9.36
CA GLY B 107 24.92 -0.01 9.85
C GLY B 107 24.04 1.09 10.37
N PHE B 108 24.58 2.28 10.60
CA PHE B 108 23.79 3.42 11.05
C PHE B 108 23.05 4.20 9.91
N LEU B 109 23.33 3.78 8.68
CA LEU B 109 22.57 4.10 7.48
C LEU B 109 22.57 5.58 7.10
N GLY B 110 23.45 6.34 7.70
CA GLY B 110 23.51 7.80 7.49
C GLY B 110 22.48 8.59 8.27
N LEU B 111 21.69 7.87 9.07
CA LEU B 111 20.53 8.39 9.78
C LEU B 111 20.79 8.62 11.25
N PHE B 112 21.44 7.63 11.86
CA PHE B 112 21.67 7.69 13.31
C PHE B 112 23.17 7.64 13.62
N ASN B 113 23.51 7.81 14.87
CA ASN B 113 24.95 7.70 15.27
C ASN B 113 25.11 7.09 16.62
N ASP B 114 26.35 6.99 17.12
CA ASP B 114 26.59 6.37 18.45
C ASP B 114 26.99 7.41 19.50
N SER B 115 26.60 8.64 19.24
CA SER B 115 27.07 9.83 19.89
C SER B 115 25.95 10.77 20.42
N ASN B 116 24.77 10.77 19.79
CA ASN B 116 23.62 11.60 20.18
C ASN B 116 22.35 10.79 20.52
N ILE B 119 18.94 12.56 18.41
CA ILE B 119 18.61 12.49 16.99
C ILE B 119 17.13 12.28 16.79
N GLN B 120 16.47 13.24 16.17
CA GLN B 120 15.08 13.10 15.71
C GLN B 120 15.07 12.66 14.21
N THR B 121 14.64 11.44 13.98
CA THR B 121 14.41 10.92 12.63
C THR B 121 13.45 9.77 12.70
N VAL B 122 12.50 9.76 11.79
CA VAL B 122 11.64 8.61 11.64
C VAL B 122 12.00 8.04 10.31
N ALA B 123 12.07 6.72 10.17
CA ALA B 123 12.58 6.12 8.93
C ALA B 123 11.94 4.77 8.68
N VAL B 124 11.83 4.45 7.39
CA VAL B 124 11.47 3.14 6.99
C VAL B 124 12.72 2.60 6.31
N GLU B 125 13.29 1.56 6.92
CA GLU B 125 14.58 1.05 6.43
C GLU B 125 14.48 -0.26 5.67
N PHE B 126 15.34 -0.43 4.70
CA PHE B 126 15.47 -1.65 3.94
C PHE B 126 16.91 -2.08 4.20
N ASP B 127 17.03 -2.89 5.25
CA ASP B 127 18.30 -3.25 5.86
C ASP B 127 18.77 -4.55 5.27
N THR B 128 19.99 -4.51 4.76
CA THR B 128 20.58 -5.66 4.09
C THR B 128 21.65 -6.39 4.90
N PHE B 129 21.96 -5.86 6.06
CA PHE B 129 22.96 -6.50 6.94
C PHE B 129 22.55 -6.43 8.41
N SER B 130 22.67 -7.61 9.08
CA SER B 130 22.29 -7.86 10.45
C SER B 130 23.35 -7.39 11.42
N ASN B 131 23.11 -6.19 11.94
CA ASN B 131 23.89 -5.70 13.05
C ASN B 131 23.41 -6.24 14.36
N THR B 132 24.02 -5.77 15.42
CA THR B 132 23.74 -6.32 16.75
C THR B 132 22.30 -5.98 17.24
N TRP B 133 21.79 -4.84 16.79
CA TRP B 133 20.45 -4.40 17.13
C TRP B 133 19.35 -4.88 16.15
N ASP B 134 19.77 -5.73 15.19
CA ASP B 134 18.93 -6.22 14.12
C ASP B 134 18.54 -7.65 14.34
N PRO B 135 17.44 -8.06 13.69
CA PRO B 135 17.18 -9.49 13.53
C PRO B 135 18.17 -10.13 12.59
N SER B 136 18.22 -11.46 12.55
CA SER B 136 19.25 -12.11 11.77
C SER B 136 19.03 -11.85 10.24
N ALA B 137 17.79 -11.87 9.78
CA ALA B 137 17.52 -11.75 8.34
C ALA B 137 17.54 -10.30 7.89
N ARG B 138 17.72 -10.13 6.59
CA ARG B 138 17.36 -8.89 5.93
C ARG B 138 15.88 -8.57 6.24
N HIS B 139 15.58 -7.31 6.38
CA HIS B 139 14.29 -6.84 6.88
C HIS B 139 13.90 -5.43 6.46
N ILE B 140 12.57 -5.20 6.46
CA ILE B 140 12.04 -3.90 6.36
C ILE B 140 11.68 -3.43 7.78
N GLY B 141 12.23 -2.32 8.21
CA GLY B 141 11.93 -1.79 9.53
C GLY B 141 11.35 -0.40 9.63
N ILE B 142 10.56 -0.16 10.68
CA ILE B 142 10.05 1.14 11.05
C ILE B 142 10.82 1.63 12.25
N ASN B 143 11.47 2.76 12.06
CA ASN B 143 12.44 3.29 13.03
C ASN B 143 12.02 4.67 13.55
N VAL B 144 11.90 4.76 14.87
CA VAL B 144 11.48 5.99 15.55
C VAL B 144 12.54 6.48 16.53
N ASN B 145 13.38 7.41 16.05
CA ASN B 145 14.49 8.04 16.80
C ASN B 145 15.53 7.06 17.30
N SER B 146 15.68 5.94 16.60
CA SER B 146 16.65 4.90 16.95
C SER B 146 16.93 4.02 15.73
N ILE B 147 18.19 3.55 15.62
CA ILE B 147 18.59 2.60 14.60
C ILE B 147 18.03 1.19 14.86
N GLU B 148 17.63 0.93 16.09
CA GLU B 148 16.88 -0.31 16.38
C GLU B 148 15.41 -0.09 15.95
N SER B 149 14.87 -0.93 15.08
CA SER B 149 13.44 -0.81 14.60
C SER B 149 12.38 -1.09 15.71
N MET B 150 11.26 -0.38 15.64
CA MET B 150 10.17 -0.59 16.59
C MET B 150 9.38 -1.81 16.17
N LYS B 151 9.43 -2.11 14.87
CA LYS B 151 8.80 -3.29 14.30
C LYS B 151 9.47 -3.53 12.99
N TYR B 152 9.49 -4.78 12.55
CA TYR B 152 10.11 -5.15 11.28
C TYR B 152 9.42 -6.34 10.67
N VAL B 153 9.67 -6.60 9.39
CA VAL B 153 9.21 -7.79 8.75
C VAL B 153 10.39 -8.36 8.00
N LYS B 154 10.51 -9.66 7.88
CA LYS B 154 11.59 -10.23 7.10
C LYS B 154 11.47 -9.91 5.62
N TRP B 155 12.59 -9.73 4.95
CA TRP B 155 12.57 -9.18 3.63
C TRP B 155 13.35 -10.02 2.69
N GLY B 156 12.64 -10.64 1.74
CA GLY B 156 13.31 -11.43 0.67
C GLY B 156 13.85 -10.50 -0.42
N TRP B 157 14.96 -9.85 -0.13
CA TRP B 157 15.67 -9.00 -1.09
C TRP B 157 15.98 -9.74 -2.40
N GLU B 158 15.75 -9.08 -3.55
CA GLU B 158 16.00 -9.68 -4.87
C GLU B 158 17.05 -8.83 -5.57
N ASN B 159 18.22 -9.41 -5.73
CA ASN B 159 19.35 -8.66 -6.18
C ASN B 159 19.12 -8.02 -7.55
N GLY B 160 19.32 -6.72 -7.60
CA GLY B 160 19.21 -5.94 -8.84
C GLY B 160 17.83 -5.82 -9.47
N LYS B 161 16.80 -6.33 -8.78
CA LYS B 161 15.39 -6.15 -9.15
C LYS B 161 14.72 -4.89 -8.60
N VAL B 162 13.84 -4.32 -9.43
CA VAL B 162 13.15 -3.16 -9.02
C VAL B 162 12.16 -3.52 -7.89
N ALA B 163 12.25 -2.76 -6.84
CA ALA B 163 11.28 -2.80 -5.71
C ALA B 163 10.39 -1.57 -5.70
N ASN B 164 9.07 -1.77 -5.61
CA ASN B 164 8.09 -0.70 -5.56
C ASN B 164 7.64 -0.59 -4.10
N VAL B 165 7.83 0.56 -3.52
CA VAL B 165 7.46 0.79 -2.15
C VAL B 165 6.32 1.79 -2.08
N TYR B 166 5.43 1.53 -1.15
CA TYR B 166 4.42 2.47 -0.78
C TYR B 166 4.43 2.63 0.74
N ILE B 167 4.52 3.86 1.23
CA ILE B 167 4.47 4.20 2.65
C ILE B 167 3.35 5.22 2.94
N SER B 168 2.51 4.91 3.92
CA SER B 168 1.49 5.88 4.37
C SER B 168 1.48 6.08 5.82
N TYR B 169 1.11 7.29 6.23
CA TYR B 169 0.89 7.68 7.62
C TYR B 169 -0.50 8.23 7.80
N GLU B 170 -1.31 7.60 8.64
CA GLU B 170 -2.69 8.06 8.87
C GLU B 170 -2.74 8.73 10.24
N ALA B 171 -2.81 10.05 10.23
CA ALA B 171 -2.68 10.83 11.47
C ALA B 171 -3.75 10.51 12.49
N SER B 172 -4.97 10.30 12.06
CA SER B 172 -6.02 10.07 13.04
C SER B 172 -5.85 8.75 13.84
N THR B 173 -5.20 7.73 13.29
CA THR B 173 -4.97 6.47 14.00
C THR B 173 -3.50 6.29 14.43
N LYS B 174 -2.66 7.27 14.09
CA LYS B 174 -1.18 7.22 14.23
C LYS B 174 -0.54 6.01 13.61
N THR B 175 -1.01 5.56 12.45
CA THR B 175 -0.52 4.35 11.89
C THR B 175 0.38 4.57 10.71
N LEU B 176 1.57 4.02 10.82
CA LEU B 176 2.58 4.16 9.76
C LEU B 176 2.67 2.80 9.10
N THR B 177 2.46 2.69 7.78
CA THR B 177 2.50 1.41 7.05
C THR B 177 3.49 1.51 5.91
N ALA B 178 4.26 0.46 5.74
CA ALA B 178 5.28 0.36 4.72
C ALA B 178 5.14 -0.94 3.96
N SER B 179 5.03 -0.84 2.63
CA SER B 179 4.98 -2.06 1.79
C SER B 179 6.01 -2.03 0.69
N LEU B 180 6.46 -3.22 0.30
CA LEU B 180 7.40 -3.45 -0.76
C LEU B 180 6.91 -4.58 -1.66
N THR B 181 7.00 -4.37 -2.98
CA THR B 181 6.56 -5.38 -3.94
C THR B 181 7.58 -5.46 -5.06
N TYR B 182 7.91 -6.68 -5.48
CA TYR B 182 8.75 -6.97 -6.64
C TYR B 182 7.87 -7.41 -7.76
N PRO B 183 7.65 -6.54 -8.75
CA PRO B 183 6.81 -7.00 -9.87
C PRO B 183 7.40 -8.18 -10.59
N SER B 184 8.72 -8.32 -10.55
CA SER B 184 9.39 -9.42 -11.27
C SER B 184 8.98 -10.83 -10.83
N ASN B 185 8.68 -11.01 -9.57
CA ASN B 185 8.08 -12.25 -9.14
C ASN B 185 6.76 -12.07 -8.38
N ALA B 186 6.14 -10.88 -8.44
CA ALA B 186 4.92 -10.58 -7.67
C ALA B 186 4.95 -11.08 -6.21
N THR B 187 6.02 -10.76 -5.52
CA THR B 187 6.12 -11.05 -4.11
C THR B 187 6.15 -9.74 -3.34
N SER B 188 5.53 -9.72 -2.17
CA SER B 188 5.33 -8.49 -1.38
C SER B 188 5.48 -8.73 0.10
N TYR B 189 5.81 -7.66 0.78
CA TYR B 189 6.06 -7.60 2.19
C TYR B 189 5.41 -6.32 2.72
N ILE B 190 4.93 -6.41 3.94
CA ILE B 190 4.35 -5.22 4.61
C ILE B 190 4.67 -5.17 6.09
N VAL B 191 4.79 -3.97 6.62
CA VAL B 191 4.86 -3.80 8.06
C VAL B 191 4.20 -2.50 8.47
N SER B 192 3.54 -2.50 9.62
CA SER B 192 2.96 -1.33 10.19
C SER B 192 3.31 -1.12 11.63
N ALA B 193 3.21 0.13 12.12
CA ALA B 193 3.46 0.47 13.54
C ALA B 193 2.68 1.66 13.96
N ASN B 194 2.37 1.73 15.26
CA ASN B 194 1.77 2.95 15.78
C ASN B 194 2.89 3.90 16.09
N VAL B 195 2.86 5.11 15.49
CA VAL B 195 3.86 6.18 15.65
C VAL B 195 3.26 7.58 15.92
N ASP B 196 3.75 8.27 16.93
CA ASP B 196 3.24 9.58 17.32
C ASP B 196 4.24 10.53 16.64
N LEU B 197 3.93 10.98 15.43
CA LEU B 197 4.85 11.90 14.68
C LEU B 197 5.13 13.12 15.49
N LYS B 198 4.10 13.60 16.16
CA LYS B 198 4.14 14.79 16.95
C LYS B 198 5.23 14.78 18.10
N SER B 199 5.40 13.66 18.77
CA SER B 199 6.51 13.56 19.78
C SER B 199 7.77 13.04 19.17
N ALA B 200 7.73 12.50 17.93
CA ALA B 200 8.98 12.01 17.36
C ALA B 200 9.79 13.05 16.59
N LEU B 201 9.09 14.06 16.06
CA LEU B 201 9.66 15.08 15.13
C LEU B 201 9.24 16.50 15.46
N PRO B 202 10.04 17.49 15.02
CA PRO B 202 9.59 18.84 15.11
C PRO B 202 8.43 19.16 14.11
N GLU B 203 7.88 20.34 14.20
CA GLU B 203 6.69 20.69 13.45
C GLU B 203 6.91 20.70 11.93
N TRP B 204 8.12 21.08 11.53
CA TRP B 204 8.54 21.11 10.09
C TRP B 204 9.70 20.13 9.94
N VAL B 205 9.69 19.31 8.91
CA VAL B 205 10.74 18.38 8.60
C VAL B 205 11.14 18.51 7.13
N ARG B 206 12.23 17.82 6.75
CA ARG B 206 12.49 17.53 5.33
C ARG B 206 12.36 16.05 5.17
N VAL B 207 12.04 15.59 3.97
CA VAL B 207 11.91 14.17 3.71
C VAL B 207 12.81 13.76 2.54
N GLY B 208 13.11 12.49 2.48
CA GLY B 208 14.02 11.98 1.46
C GLY B 208 14.61 10.64 1.80
N PHE B 209 15.82 10.34 1.29
CA PHE B 209 16.40 9.04 1.33
C PHE B 209 17.81 9.12 1.85
N SER B 210 18.25 7.98 2.33
CA SER B 210 19.58 7.79 2.89
C SER B 210 20.04 6.38 2.66
N ALA B 211 21.33 6.18 2.40
CA ALA B 211 21.86 4.85 2.19
C ALA B 211 23.40 4.84 2.46
N THR B 212 23.86 3.68 2.89
CA THR B 212 25.28 3.40 3.10
C THR B 212 25.64 2.03 2.52
N SER B 213 26.83 1.96 1.94
CA SER B 213 27.43 0.68 1.61
C SER B 213 28.37 0.25 2.81
N GLY B 214 28.74 -0.98 2.77
CA GLY B 214 29.40 -1.64 3.89
C GLY B 214 30.80 -1.08 4.13
N LEU B 215 31.33 -1.38 5.32
CA LEU B 215 32.64 -0.85 5.70
C LEU B 215 33.77 -1.81 5.41
N SER B 216 33.56 -2.79 4.56
CA SER B 216 34.68 -3.54 4.06
C SER B 216 34.52 -3.73 2.58
N ARG B 217 35.64 -3.86 1.89
CA ARG B 217 35.67 -3.95 0.43
C ARG B 217 34.68 -4.96 -0.14
N ASP B 218 34.48 -6.07 0.55
CA ASP B 218 33.61 -7.12 0.00
C ASP B 218 32.12 -7.00 0.33
N HIS B 219 31.74 -6.02 1.16
CA HIS B 219 30.32 -5.82 1.49
C HIS B 219 29.81 -4.56 0.82
N VAL B 220 29.46 -4.72 -0.45
CA VAL B 220 29.18 -3.56 -1.32
C VAL B 220 27.97 -3.86 -2.18
N GLU B 221 27.14 -2.85 -2.32
CA GLU B 221 25.96 -2.92 -3.14
C GLU B 221 25.60 -1.46 -3.50
N THR B 222 24.81 -1.36 -4.59
CA THR B 222 24.21 -0.11 -4.97
C THR B 222 22.91 0.18 -4.16
N HIS B 223 22.58 1.46 -4.05
CA HIS B 223 21.26 1.93 -3.54
C HIS B 223 20.80 3.03 -4.45
N ASP B 224 20.01 2.61 -5.43
CA ASP B 224 19.53 3.53 -6.47
C ASP B 224 17.99 3.76 -6.39
N VAL B 225 17.57 5.01 -6.40
CA VAL B 225 16.13 5.39 -6.41
C VAL B 225 15.76 5.85 -7.83
N LEU B 226 14.74 5.20 -8.40
CA LEU B 226 14.38 5.38 -9.82
C LEU B 226 13.28 6.43 -10.09
N ASP B 227 12.44 6.64 -9.08
CA ASP B 227 11.35 7.62 -9.12
C ASP B 227 10.76 7.84 -7.74
N TRP B 228 9.89 8.82 -7.60
CA TRP B 228 9.43 9.22 -6.26
C TRP B 228 8.26 10.12 -6.36
N SER B 229 7.20 9.76 -5.65
CA SER B 229 6.11 10.68 -5.40
C SER B 229 5.86 10.80 -3.90
N PHE B 230 5.41 11.99 -3.51
CA PHE B 230 5.15 12.32 -2.09
C PHE B 230 3.95 13.24 -1.98
N THR B 231 3.06 12.99 -1.03
CA THR B 231 2.02 13.95 -0.75
C THR B 231 1.77 14.05 0.74
N SER B 232 1.57 15.27 1.19
CA SER B 232 1.28 15.48 2.63
C SER B 232 0.15 16.44 2.79
N THR B 233 -0.82 16.13 3.70
CA THR B 233 -1.89 17.05 4.01
C THR B 233 -1.96 17.33 5.51
N LEU B 234 -1.92 18.61 5.88
CA LEU B 234 -2.06 19.04 7.27
C LEU B 234 -3.33 19.79 7.35
N GLN B 235 -4.32 19.18 7.98
CA GLN B 235 -5.58 19.84 8.13
C GLN B 235 -6.32 19.49 9.42
N ALA B 236 -7.40 20.19 9.64
CA ALA B 236 -8.16 20.09 10.93
C ALA B 236 -8.60 18.63 11.18
N PRO B 237 -8.44 18.16 12.43
CA PRO B 237 -8.80 16.86 12.98
C PRO B 237 -10.13 16.24 12.53
#